data_6Y1J
#
_entry.id   6Y1J
#
_cell.length_a   82.460
_cell.length_b   111.820
_cell.length_c   62.480
_cell.angle_alpha   90.000
_cell.angle_beta   90.000
_cell.angle_gamma   90.000
#
_symmetry.space_group_name_H-M   'C 2 2 21'
#
loop_
_entity.id
_entity.type
_entity.pdbx_description
1 polymer '14-3-3 protein sigma'
2 polymer 'NF-kappa-B inhibitor alpha'
3 non-polymer 'CALCIUM ION'
4 non-polymer 'CHLORIDE ION'
5 non-polymer 'MAGNESIUM ION'
6 non-polymer GLYCEROL
7 water water
#
loop_
_entity_poly.entity_id
_entity_poly.type
_entity_poly.pdbx_seq_one_letter_code
_entity_poly.pdbx_strand_id
1 'polypeptide(L)'
;GAMGSMERASLIQKAKLAEQAERYEDMAAFMKGAVEKGEELS(CSO)EERNLLSVAYKNVVGGQRAAWRVLSSIEQKSNE
EGSEEKGPEVREYREKVETELQGVCDTVLGLLDSHLIKEAGDAESRVFYLKMKGDYYRYLAEVATGDDKKRIIDSARSAY
QEAMDISKKEMPPTNPIRLGLALNFSVFHYEIANSPEEAISLAKTTFDEAMADLHTLSEDSYKDSTLIMQLLRDNLTLWT
ADNAGEEGGEAPQEPQS
;
A
2 'polypeptide(L)' (ACE)QEVPRG(SEP)EPWKQQ P
#
# COMPACT_ATOMS: atom_id res chain seq x y z
N GLY A 1 -15.98 -19.29 5.43
CA GLY A 1 -14.88 -18.92 4.49
C GLY A 1 -14.39 -20.17 3.80
N ALA A 2 -14.16 -20.07 2.49
N ALA A 2 -14.16 -20.07 2.49
CA ALA A 2 -13.77 -21.24 1.70
CA ALA A 2 -13.76 -21.26 1.72
C ALA A 2 -12.41 -21.80 2.11
C ALA A 2 -12.47 -21.85 2.25
N MET A 3 -11.61 -21.04 2.87
CA MET A 3 -10.34 -21.55 3.40
C MET A 3 -10.46 -22.06 4.82
N GLY A 4 -11.66 -22.07 5.40
CA GLY A 4 -11.82 -22.45 6.78
C GLY A 4 -11.42 -23.88 7.08
N SER A 5 -11.48 -24.77 6.08
CA SER A 5 -11.12 -26.16 6.31
C SER A 5 -9.64 -26.45 6.08
N MET A 6 -8.85 -25.49 5.62
CA MET A 6 -7.46 -25.75 5.31
C MET A 6 -6.56 -25.32 6.47
N GLU A 7 -5.57 -26.14 6.78
CA GLU A 7 -4.62 -25.82 7.85
C GLU A 7 -3.93 -24.49 7.57
N ARG A 8 -3.66 -23.76 8.66
CA ARG A 8 -2.92 -22.51 8.55
C ARG A 8 -1.61 -22.71 7.80
N ALA A 9 -0.84 -23.74 8.16
CA ALA A 9 0.46 -23.93 7.53
C ALA A 9 0.32 -24.26 6.05
N SER A 10 -0.73 -24.98 5.68
CA SER A 10 -0.98 -25.29 4.28
C SER A 10 -1.35 -24.05 3.49
N LEU A 11 -2.10 -23.13 4.09
CA LEU A 11 -2.44 -21.87 3.44
C LEU A 11 -1.19 -21.05 3.16
N ILE A 12 -0.29 -20.97 4.14
N ILE A 12 -0.27 -21.02 4.11
CA ILE A 12 0.97 -20.26 3.97
CA ILE A 12 0.94 -20.23 3.90
C ILE A 12 1.78 -20.90 2.84
C ILE A 12 1.85 -20.91 2.89
N GLN A 13 1.90 -22.23 2.89
N GLN A 13 1.91 -22.25 2.92
CA GLN A 13 2.66 -22.95 1.87
CA GLN A 13 2.65 -22.98 1.88
C GLN A 13 2.10 -22.69 0.48
C GLN A 13 2.10 -22.65 0.51
N LYS A 14 0.77 -22.72 0.36
CA LYS A 14 0.14 -22.46 -0.94
C LYS A 14 0.27 -21.01 -1.35
N ALA A 15 0.26 -20.07 -0.40
CA ALA A 15 0.49 -18.68 -0.76
C ALA A 15 1.86 -18.52 -1.41
N LYS A 16 2.86 -19.24 -0.90
CA LYS A 16 4.20 -19.15 -1.47
C LYS A 16 4.24 -19.77 -2.86
N LEU A 17 3.52 -20.87 -3.07
CA LEU A 17 3.43 -21.47 -4.40
C LEU A 17 2.72 -20.53 -5.37
N ALA A 18 1.62 -19.91 -4.91
CA ALA A 18 0.89 -18.99 -5.75
C ALA A 18 1.77 -17.82 -6.15
N GLU A 19 2.59 -17.33 -5.23
CA GLU A 19 3.51 -16.26 -5.57
C GLU A 19 4.46 -16.69 -6.68
N GLN A 20 5.04 -17.90 -6.55
CA GLN A 20 5.95 -18.41 -7.58
C GLN A 20 5.26 -18.51 -8.93
N ALA A 21 3.97 -18.87 -8.93
CA ALA A 21 3.19 -19.02 -10.15
C ALA A 21 2.58 -17.70 -10.61
N GLU A 22 2.84 -16.60 -9.91
CA GLU A 22 2.25 -15.28 -10.22
C GLU A 22 0.72 -15.33 -10.25
N ARG A 23 0.15 -16.09 -9.32
CA ARG A 23 -1.28 -16.24 -9.14
C ARG A 23 -1.67 -15.43 -7.91
N TYR A 24 -1.69 -14.10 -8.07
CA TYR A 24 -1.79 -13.23 -6.91
C TYR A 24 -3.19 -13.22 -6.29
N GLU A 25 -4.22 -13.44 -7.09
N GLU A 25 -4.24 -13.42 -7.09
CA GLU A 25 -5.56 -13.56 -6.52
CA GLU A 25 -5.56 -13.55 -6.49
C GLU A 25 -5.65 -14.78 -5.62
C GLU A 25 -5.63 -14.78 -5.59
N ASP A 26 -5.12 -15.92 -6.06
CA ASP A 26 -5.04 -17.10 -5.21
C ASP A 26 -4.22 -16.81 -3.96
N MET A 27 -3.07 -16.16 -4.13
CA MET A 27 -2.20 -15.86 -3.01
C MET A 27 -2.93 -15.05 -1.96
N ALA A 28 -3.67 -14.03 -2.39
CA ALA A 28 -4.43 -13.20 -1.48
C ALA A 28 -5.50 -14.00 -0.76
N ALA A 29 -6.21 -14.87 -1.49
CA ALA A 29 -7.22 -15.69 -0.84
C ALA A 29 -6.60 -16.62 0.19
N PHE A 30 -5.45 -17.21 -0.10
CA PHE A 30 -4.78 -18.07 0.88
C PHE A 30 -4.37 -17.27 2.10
N MET A 31 -3.78 -16.09 1.90
CA MET A 31 -3.35 -15.29 3.05
C MET A 31 -4.52 -14.74 3.85
N LYS A 32 -5.62 -14.39 3.20
CA LYS A 32 -6.83 -14.02 3.95
C LYS A 32 -7.27 -15.18 4.83
N GLY A 33 -7.28 -16.38 4.28
CA GLY A 33 -7.61 -17.56 5.07
C GLY A 33 -6.68 -17.72 6.26
N ALA A 34 -5.39 -17.51 6.04
CA ALA A 34 -4.43 -17.61 7.13
C ALA A 34 -4.69 -16.58 8.21
N VAL A 35 -4.94 -15.32 7.83
CA VAL A 35 -5.25 -14.28 8.81
C VAL A 35 -6.48 -14.69 9.62
N GLU A 36 -7.49 -15.22 8.94
CA GLU A 36 -8.74 -15.54 9.61
C GLU A 36 -8.63 -16.71 10.57
N LYS A 37 -7.49 -17.42 10.60
CA LYS A 37 -7.27 -18.40 11.65
C LYS A 37 -7.17 -17.75 13.03
N GLY A 38 -6.88 -16.45 13.08
CA GLY A 38 -6.93 -15.71 14.33
C GLY A 38 -5.61 -15.55 15.03
N GLU A 39 -4.57 -16.24 14.61
CA GLU A 39 -3.25 -16.05 15.20
C GLU A 39 -2.56 -14.84 14.56
N GLU A 40 -1.66 -14.24 15.32
CA GLU A 40 -0.83 -13.17 14.79
C GLU A 40 0.06 -13.72 13.65
N LEU A 41 0.55 -12.80 12.82
CA LEU A 41 1.38 -13.16 11.69
C LEU A 41 2.83 -12.84 11.99
N SER A 42 3.71 -13.73 11.55
CA SER A 42 5.13 -13.47 11.64
C SER A 42 5.53 -12.44 10.60
N GLU A 44 7.54 -12.77 8.06
CA GLU A 44 7.44 -13.33 6.71
C GLU A 44 5.99 -13.39 6.24
N GLU A 45 5.10 -13.79 7.15
CA GLU A 45 3.69 -13.92 6.80
C GLU A 45 3.06 -12.55 6.52
N ARG A 46 3.42 -11.52 7.28
CA ARG A 46 2.93 -10.17 6.98
C ARG A 46 3.35 -9.76 5.58
N ASN A 47 4.58 -10.06 5.22
CA ASN A 47 5.04 -9.69 3.89
C ASN A 47 4.34 -10.48 2.80
N LEU A 48 3.98 -11.75 3.03
CA LEU A 48 3.21 -12.48 2.03
C LEU A 48 1.83 -11.87 1.85
N LEU A 49 1.18 -11.51 2.96
CA LEU A 49 -0.12 -10.85 2.89
C LEU A 49 -0.04 -9.58 2.04
N SER A 50 0.99 -8.78 2.29
CA SER A 50 1.16 -7.53 1.60
C SER A 50 1.46 -7.72 0.11
N VAL A 51 2.39 -8.62 -0.22
N VAL A 51 2.37 -8.63 -0.24
CA VAL A 51 2.70 -8.89 -1.62
CA VAL A 51 2.67 -8.76 -1.66
C VAL A 51 1.43 -9.23 -2.37
C VAL A 51 1.47 -9.29 -2.43
N ALA A 52 0.63 -10.12 -1.80
CA ALA A 52 -0.55 -10.61 -2.49
C ALA A 52 -1.51 -9.47 -2.81
N TYR A 53 -1.88 -8.70 -1.81
CA TYR A 53 -2.86 -7.64 -2.02
C TYR A 53 -2.28 -6.48 -2.81
N LYS A 54 -0.98 -6.18 -2.67
CA LYS A 54 -0.42 -5.10 -3.49
C LYS A 54 -0.50 -5.44 -4.96
N ASN A 55 -0.27 -6.70 -5.31
CA ASN A 55 -0.33 -7.14 -6.69
C ASN A 55 -1.78 -7.18 -7.19
N VAL A 56 -2.71 -7.68 -6.39
CA VAL A 56 -4.10 -7.70 -6.83
C VAL A 56 -4.59 -6.28 -7.06
N VAL A 57 -4.49 -5.42 -6.04
CA VAL A 57 -5.01 -4.07 -6.18
C VAL A 57 -4.19 -3.31 -7.20
N GLY A 58 -2.88 -3.58 -7.28
CA GLY A 58 -2.06 -2.88 -8.26
C GLY A 58 -2.54 -3.12 -9.67
N GLY A 59 -2.91 -4.35 -10.00
CA GLY A 59 -3.45 -4.63 -11.32
C GLY A 59 -4.78 -3.95 -11.54
N GLN A 60 -5.63 -3.91 -10.51
CA GLN A 60 -6.91 -3.20 -10.61
C GLN A 60 -6.69 -1.71 -10.85
N ARG A 61 -5.73 -1.11 -10.13
CA ARG A 61 -5.42 0.30 -10.30
C ARG A 61 -4.98 0.59 -11.73
N ALA A 62 -4.10 -0.25 -12.28
CA ALA A 62 -3.63 -0.03 -13.64
C ALA A 62 -4.79 -0.08 -14.63
N ALA A 63 -5.69 -1.06 -14.44
CA ALA A 63 -6.83 -1.17 -15.33
C ALA A 63 -7.76 0.02 -15.17
N TRP A 64 -8.02 0.42 -13.92
CA TRP A 64 -8.86 1.57 -13.66
C TRP A 64 -8.30 2.82 -14.33
N ARG A 65 -6.98 3.00 -14.31
N ARG A 65 -6.98 3.02 -14.27
CA ARG A 65 -6.41 4.19 -14.92
CA ARG A 65 -6.38 4.17 -14.90
C ARG A 65 -6.56 4.18 -16.43
C ARG A 65 -6.61 4.16 -16.42
N VAL A 66 -6.42 3.00 -17.05
CA VAL A 66 -6.66 2.89 -18.49
C VAL A 66 -8.08 3.31 -18.81
N LEU A 67 -9.05 2.78 -18.06
CA LEU A 67 -10.46 3.02 -18.34
C LEU A 67 -10.84 4.45 -18.04
N SER A 68 -10.25 5.04 -16.99
N SER A 68 -10.39 4.98 -16.90
CA SER A 68 -10.49 6.44 -16.71
CA SER A 68 -10.73 6.35 -16.52
C SER A 68 -9.91 7.34 -17.80
C SER A 68 -10.25 7.36 -17.56
N SER A 69 -8.74 7.00 -18.35
N SER A 69 -9.07 7.10 -18.15
CA SER A 69 -8.20 7.83 -19.42
CA SER A 69 -8.55 7.97 -19.20
C SER A 69 -9.11 7.84 -20.63
C SER A 69 -9.42 7.91 -20.44
N ILE A 70 -9.76 6.70 -20.91
CA ILE A 70 -10.68 6.59 -22.04
C ILE A 70 -11.95 7.36 -21.75
N GLU A 71 -12.45 7.25 -20.52
CA GLU A 71 -13.68 7.93 -20.14
C GLU A 71 -13.48 9.44 -20.19
N GLN A 72 -12.35 9.93 -19.69
CA GLN A 72 -12.07 11.36 -19.73
C GLN A 72 -12.03 11.86 -21.17
N LYS A 73 -11.35 11.15 -22.05
CA LYS A 73 -11.32 11.55 -23.45
C LYS A 73 -12.72 11.60 -24.04
N SER A 74 -13.56 10.61 -23.72
CA SER A 74 -14.91 10.59 -24.26
C SER A 74 -15.72 11.83 -23.88
N ASN A 75 -15.32 12.52 -22.82
CA ASN A 75 -16.02 13.71 -22.36
C ASN A 75 -15.37 15.00 -22.83
N GLU A 76 -14.44 14.90 -23.78
CA GLU A 76 -13.81 16.11 -24.37
C GLU A 76 -14.73 16.67 -25.46
N GLU A 77 -14.38 17.86 -25.96
CA GLU A 77 -15.25 18.63 -26.85
C GLU A 77 -15.74 17.84 -28.06
N GLY A 78 -14.83 17.47 -28.96
CA GLY A 78 -15.24 16.88 -30.22
C GLY A 78 -15.51 15.39 -30.19
N SER A 79 -15.77 14.84 -29.01
CA SER A 79 -15.84 13.40 -28.84
C SER A 79 -17.23 12.89 -29.19
N GLU A 80 -17.27 11.80 -29.97
CA GLU A 80 -18.53 11.19 -30.35
C GLU A 80 -19.13 10.41 -29.19
N GLU A 81 -20.44 10.52 -29.02
CA GLU A 81 -21.14 9.79 -27.96
C GLU A 81 -21.12 8.30 -28.28
N LYS A 82 -20.68 7.50 -27.31
CA LYS A 82 -20.59 6.05 -27.48
C LYS A 82 -21.43 5.28 -26.48
N GLY A 83 -22.27 5.96 -25.70
CA GLY A 83 -23.16 5.29 -24.80
C GLY A 83 -22.55 5.10 -23.43
N PRO A 84 -23.22 4.32 -22.59
CA PRO A 84 -22.84 4.21 -21.18
C PRO A 84 -21.73 3.20 -20.92
N GLU A 85 -21.26 2.50 -21.93
CA GLU A 85 -20.41 1.30 -21.71
C GLU A 85 -19.09 1.63 -21.05
N VAL A 86 -18.40 2.70 -21.44
CA VAL A 86 -17.07 3.03 -20.81
C VAL A 86 -17.28 3.33 -19.31
N ARG A 87 -18.25 4.17 -18.96
CA ARG A 87 -18.56 4.47 -17.55
C ARG A 87 -18.93 3.17 -16.85
N GLU A 88 -19.79 2.33 -17.43
CA GLU A 88 -20.20 1.11 -16.75
C GLU A 88 -19.00 0.23 -16.43
N TYR A 89 -18.12 0.06 -17.40
CA TYR A 89 -17.02 -0.87 -17.19
C TYR A 89 -15.99 -0.28 -16.23
N ARG A 90 -15.71 1.03 -16.34
CA ARG A 90 -14.88 1.68 -15.33
C ARG A 90 -15.48 1.51 -13.93
N GLU A 91 -16.80 1.67 -13.80
N GLU A 91 -16.79 1.68 -13.81
CA GLU A 91 -17.46 1.48 -12.51
CA GLU A 91 -17.45 1.47 -12.52
C GLU A 91 -17.36 0.04 -12.03
C GLU A 91 -17.31 0.04 -12.04
N LYS A 92 -17.42 -0.93 -12.95
CA LYS A 92 -17.26 -2.32 -12.56
C LYS A 92 -15.88 -2.56 -11.96
N VAL A 93 -14.84 -2.13 -12.66
CA VAL A 93 -13.49 -2.32 -12.14
C VAL A 93 -13.30 -1.54 -10.83
N GLU A 94 -13.83 -0.32 -10.76
CA GLU A 94 -13.74 0.48 -9.55
C GLU A 94 -14.37 -0.22 -8.37
N THR A 95 -15.56 -0.79 -8.56
CA THR A 95 -16.26 -1.46 -7.47
C THR A 95 -15.47 -2.68 -7.01
N GLU A 96 -14.85 -3.39 -7.94
N GLU A 96 -14.88 -3.41 -7.93
CA GLU A 96 -14.03 -4.55 -7.57
CA GLU A 96 -14.05 -4.55 -7.54
C GLU A 96 -12.79 -4.13 -6.80
C GLU A 96 -12.85 -4.08 -6.74
N LEU A 97 -12.17 -3.03 -7.22
CA LEU A 97 -11.02 -2.47 -6.51
C LEU A 97 -11.41 -2.05 -5.10
N GLN A 98 -12.50 -1.31 -4.96
CA GLN A 98 -12.97 -0.90 -3.64
C GLN A 98 -13.26 -2.11 -2.77
N GLY A 99 -13.81 -3.16 -3.36
CA GLY A 99 -14.11 -4.35 -2.58
C GLY A 99 -12.86 -5.03 -2.02
N VAL A 100 -11.80 -5.11 -2.82
CA VAL A 100 -10.56 -5.66 -2.32
C VAL A 100 -9.97 -4.78 -1.24
N CYS A 101 -9.93 -3.45 -1.46
CA CYS A 101 -9.45 -2.57 -0.41
C CYS A 101 -10.24 -2.74 0.88
N ASP A 102 -11.57 -2.81 0.77
CA ASP A 102 -12.41 -3.02 1.96
C ASP A 102 -12.08 -4.34 2.63
N THR A 103 -11.78 -5.37 1.86
CA THR A 103 -11.40 -6.66 2.43
C THR A 103 -10.12 -6.54 3.26
N VAL A 104 -9.11 -5.88 2.70
CA VAL A 104 -7.86 -5.71 3.43
C VAL A 104 -8.08 -4.90 4.69
N LEU A 105 -8.79 -3.79 4.57
CA LEU A 105 -9.06 -2.94 5.73
C LEU A 105 -9.84 -3.72 6.78
N GLY A 106 -10.72 -4.61 6.34
CA GLY A 106 -11.46 -5.43 7.28
C GLY A 106 -10.58 -6.40 8.05
N LEU A 107 -9.59 -7.00 7.39
CA LEU A 107 -8.65 -7.87 8.09
C LEU A 107 -7.84 -7.08 9.10
N LEU A 108 -7.43 -5.87 8.73
CA LEU A 108 -6.68 -5.02 9.64
C LEU A 108 -7.51 -4.67 10.86
N ASP A 109 -8.80 -4.40 10.66
CA ASP A 109 -9.66 -4.02 11.78
C ASP A 109 -10.14 -5.21 12.59
N SER A 110 -10.08 -6.42 12.04
CA SER A 110 -10.61 -7.62 12.68
C SER A 110 -9.65 -8.79 12.40
N HIS A 111 -8.53 -8.88 13.12
CA HIS A 111 -8.14 -8.07 14.29
C HIS A 111 -6.65 -7.82 14.30
N LEU A 112 -6.07 -7.64 13.11
CA LEU A 112 -4.61 -7.58 13.04
C LEU A 112 -4.04 -6.42 13.83
N ILE A 113 -4.58 -5.22 13.64
CA ILE A 113 -3.98 -4.05 14.28
C ILE A 113 -4.08 -4.14 15.81
N LYS A 114 -5.25 -4.51 16.33
CA LYS A 114 -5.42 -4.45 17.78
C LYS A 114 -4.52 -5.44 18.51
N GLU A 115 -4.10 -6.53 17.88
N GLU A 115 -4.10 -6.51 17.84
CA GLU A 115 -3.19 -7.44 18.57
CA GLU A 115 -3.22 -7.52 18.42
C GLU A 115 -1.72 -7.13 18.31
C GLU A 115 -1.74 -7.24 18.18
N ALA A 116 -1.41 -6.20 17.43
CA ALA A 116 -0.02 -5.91 17.04
C ALA A 116 0.59 -4.94 18.04
N GLY A 117 1.50 -5.43 18.87
CA GLY A 117 2.15 -4.62 19.89
C GLY A 117 3.59 -4.24 19.58
N ASP A 118 4.32 -5.05 18.84
CA ASP A 118 5.70 -4.70 18.55
C ASP A 118 5.71 -3.62 17.47
N ALA A 119 6.73 -2.77 17.49
CA ALA A 119 6.77 -1.68 16.51
C ALA A 119 6.75 -2.21 15.08
N GLU A 120 7.48 -3.30 14.81
CA GLU A 120 7.59 -3.77 13.44
C GLU A 120 6.24 -4.22 12.90
N SER A 121 5.42 -4.87 13.72
CA SER A 121 4.13 -5.31 13.24
C SER A 121 3.13 -4.17 13.19
N ARG A 122 3.10 -3.35 14.24
CA ARG A 122 2.12 -2.28 14.29
C ARG A 122 2.35 -1.26 13.19
N VAL A 123 3.59 -0.83 12.98
CA VAL A 123 3.89 0.09 11.89
C VAL A 123 3.52 -0.53 10.55
N PHE A 124 3.86 -1.80 10.36
CA PHE A 124 3.54 -2.49 9.10
C PHE A 124 2.05 -2.44 8.81
N TYR A 125 1.22 -2.75 9.81
CA TYR A 125 -0.23 -2.79 9.58
C TYR A 125 -0.83 -1.40 9.42
N LEU A 126 -0.36 -0.42 10.18
CA LEU A 126 -0.83 0.95 9.99
C LEU A 126 -0.43 1.48 8.62
N LYS A 127 0.77 1.13 8.15
N LYS A 127 0.76 1.11 8.12
CA LYS A 127 1.16 1.48 6.80
CA LYS A 127 1.15 1.47 6.77
C LYS A 127 0.20 0.84 5.79
C LYS A 127 0.24 0.81 5.73
N MET A 128 -0.14 -0.45 5.98
CA MET A 128 -1.13 -1.08 5.11
C MET A 128 -2.43 -0.30 5.12
N LYS A 129 -2.90 0.08 6.30
CA LYS A 129 -4.16 0.80 6.40
C LYS A 129 -4.09 2.11 5.60
N GLY A 130 -2.98 2.83 5.75
CA GLY A 130 -2.79 4.05 4.96
C GLY A 130 -2.79 3.77 3.46
N ASP A 131 -2.07 2.73 3.04
CA ASP A 131 -2.01 2.38 1.62
C ASP A 131 -3.38 2.08 1.04
N TYR A 132 -4.17 1.22 1.71
CA TYR A 132 -5.45 0.85 1.09
C TYR A 132 -6.47 1.98 1.16
N TYR A 133 -6.41 2.85 2.17
CA TYR A 133 -7.21 4.06 2.09
C TYR A 133 -6.71 5.00 0.99
N ARG A 134 -5.39 5.04 0.75
CA ARG A 134 -4.88 5.83 -0.36
C ARG A 134 -5.43 5.32 -1.69
N TYR A 135 -5.47 3.99 -1.87
CA TYR A 135 -6.03 3.43 -3.10
C TYR A 135 -7.52 3.75 -3.21
N LEU A 136 -8.27 3.70 -2.11
CA LEU A 136 -9.66 4.17 -2.14
C LEU A 136 -9.74 5.64 -2.52
N ALA A 137 -8.79 6.45 -2.05
CA ALA A 137 -8.83 7.88 -2.34
C ALA A 137 -8.55 8.15 -3.81
N GLU A 138 -7.75 7.32 -4.46
CA GLU A 138 -7.44 7.52 -5.86
C GLU A 138 -8.69 7.48 -6.74
N VAL A 139 -9.72 6.76 -6.33
CA VAL A 139 -10.94 6.60 -7.14
C VAL A 139 -12.12 7.34 -6.54
N ALA A 140 -11.95 7.99 -5.40
CA ALA A 140 -13.06 8.63 -4.71
C ALA A 140 -13.37 9.97 -5.37
N THR A 141 -14.68 10.26 -5.48
CA THR A 141 -15.15 11.50 -6.08
C THR A 141 -16.35 12.09 -5.35
N GLY A 142 -16.89 11.42 -4.34
CA GLY A 142 -18.15 11.81 -3.72
C GLY A 142 -17.97 12.48 -2.38
N ASP A 143 -19.03 12.40 -1.56
CA ASP A 143 -19.10 13.17 -0.31
C ASP A 143 -18.20 12.63 0.78
N ASP A 144 -17.67 11.42 0.63
CA ASP A 144 -16.78 10.83 1.62
C ASP A 144 -15.31 10.93 1.22
N LYS A 145 -14.99 11.56 0.09
CA LYS A 145 -13.61 11.67 -0.35
C LYS A 145 -12.73 12.28 0.73
N LYS A 146 -13.19 13.36 1.35
CA LYS A 146 -12.40 14.00 2.39
C LYS A 146 -12.17 13.05 3.55
N ARG A 147 -13.19 12.29 3.95
CA ARG A 147 -13.01 11.38 5.07
C ARG A 147 -12.09 10.23 4.69
N ILE A 148 -12.13 9.76 3.44
CA ILE A 148 -11.20 8.71 3.01
C ILE A 148 -9.76 9.21 3.06
N ILE A 149 -9.54 10.41 2.54
CA ILE A 149 -8.22 11.02 2.58
C ILE A 149 -7.75 11.16 4.02
N ASP A 150 -8.64 11.61 4.92
N ASP A 150 -8.66 11.61 4.88
CA ASP A 150 -8.19 11.78 6.30
CA ASP A 150 -8.34 11.79 6.30
C ASP A 150 -7.92 10.43 6.98
C ASP A 150 -7.95 10.46 6.94
N SER A 151 -8.65 9.39 6.59
CA SER A 151 -8.35 8.06 7.15
C SER A 151 -6.98 7.60 6.72
N ALA A 152 -6.62 7.80 5.45
CA ALA A 152 -5.27 7.46 5.01
C ALA A 152 -4.23 8.28 5.78
N ARG A 153 -4.43 9.60 5.82
N ARG A 153 -4.46 9.58 5.90
CA ARG A 153 -3.48 10.47 6.49
CA ARG A 153 -3.54 10.44 6.63
C ARG A 153 -3.30 10.06 7.95
C ARG A 153 -3.35 9.94 8.06
N SER A 154 -4.40 9.76 8.65
N SER A 154 -4.38 9.73 8.69
CA SER A 154 -4.33 9.42 10.06
CA SER A 154 -4.36 9.40 10.10
C SER A 154 -3.58 8.12 10.30
C SER A 154 -3.61 8.09 10.34
N ALA A 155 -3.82 7.11 9.46
CA ALA A 155 -3.11 5.84 9.60
C ALA A 155 -1.62 6.03 9.36
N TYR A 156 -1.25 6.73 8.27
CA TYR A 156 0.15 6.99 7.98
C TYR A 156 0.80 7.77 9.13
N GLN A 157 0.07 8.75 9.69
CA GLN A 157 0.65 9.58 10.75
C GLN A 157 0.92 8.76 12.00
N GLU A 158 -0.02 7.90 12.39
CA GLU A 158 0.22 7.05 13.55
C GLU A 158 1.40 6.13 13.31
N ALA A 159 1.50 5.56 12.11
CA ALA A 159 2.65 4.73 11.78
C ALA A 159 3.95 5.52 11.83
N MET A 160 3.93 6.76 11.32
N MET A 160 3.91 6.76 11.32
CA MET A 160 5.14 7.59 11.35
CA MET A 160 5.08 7.61 11.32
C MET A 160 5.55 7.87 12.77
C MET A 160 5.54 7.91 12.74
N ASP A 161 4.59 8.19 13.63
CA ASP A 161 4.93 8.55 15.00
C ASP A 161 5.60 7.38 15.70
N ILE A 162 5.06 6.16 15.53
CA ILE A 162 5.67 4.99 16.15
C ILE A 162 7.03 4.72 15.55
N SER A 163 7.14 4.80 14.22
CA SER A 163 8.38 4.44 13.56
C SER A 163 9.50 5.37 13.97
N LYS A 164 9.20 6.65 14.14
CA LYS A 164 10.24 7.59 14.54
C LYS A 164 10.71 7.33 15.96
N LYS A 165 9.81 6.90 16.85
N LYS A 165 9.81 6.85 16.83
CA LYS A 165 10.21 6.60 18.22
CA LYS A 165 10.15 6.61 18.22
C LYS A 165 10.98 5.29 18.32
C LYS A 165 10.83 5.26 18.43
N GLU A 166 10.55 4.27 17.57
CA GLU A 166 10.94 2.90 17.85
C GLU A 166 11.84 2.25 16.82
N MET A 167 12.08 2.84 15.66
CA MET A 167 12.89 2.23 14.62
C MET A 167 14.01 3.15 14.20
N PRO A 168 15.13 2.60 13.76
CA PRO A 168 16.19 3.44 13.21
C PRO A 168 15.78 4.03 11.88
N PRO A 169 16.40 5.14 11.47
CA PRO A 169 16.00 5.81 10.23
C PRO A 169 16.24 5.00 8.98
N THR A 170 17.04 3.93 9.04
CA THR A 170 17.28 3.07 7.90
C THR A 170 16.36 1.86 7.85
N ASN A 171 15.51 1.66 8.84
CA ASN A 171 14.67 0.48 8.85
C ASN A 171 13.84 0.44 7.56
N PRO A 172 13.85 -0.66 6.80
CA PRO A 172 13.12 -0.64 5.52
C PRO A 172 11.62 -0.39 5.64
N ILE A 173 10.99 -0.83 6.73
CA ILE A 173 9.56 -0.55 6.91
C ILE A 173 9.36 0.95 7.09
N ARG A 174 10.18 1.57 7.93
CA ARG A 174 10.10 3.01 8.14
C ARG A 174 10.34 3.76 6.84
N LEU A 175 11.33 3.33 6.05
CA LEU A 175 11.61 4.00 4.78
C LEU A 175 10.45 3.85 3.81
N GLY A 176 9.89 2.64 3.70
CA GLY A 176 8.77 2.44 2.79
C GLY A 176 7.53 3.21 3.22
N LEU A 177 7.31 3.31 4.52
CA LEU A 177 6.23 4.15 5.04
C LEU A 177 6.42 5.60 4.64
N ALA A 178 7.61 6.15 4.87
CA ALA A 178 7.85 7.54 4.50
C ALA A 178 7.70 7.75 3.01
N LEU A 179 8.20 6.80 2.21
CA LEU A 179 8.03 6.88 0.77
C LEU A 179 6.55 6.95 0.40
N ASN A 180 5.74 6.04 0.94
CA ASN A 180 4.32 6.01 0.57
C ASN A 180 3.56 7.21 1.11
N PHE A 181 3.89 7.67 2.30
CA PHE A 181 3.26 8.88 2.83
C PHE A 181 3.63 10.08 1.97
N SER A 182 4.87 10.14 1.50
N SER A 182 4.87 10.15 1.48
CA SER A 182 5.26 11.21 0.60
CA SER A 182 5.25 11.25 0.58
C SER A 182 4.45 11.18 -0.68
C SER A 182 4.45 11.19 -0.72
N VAL A 183 4.25 10.00 -1.26
CA VAL A 183 3.40 9.84 -2.44
C VAL A 183 1.96 10.29 -2.12
N PHE A 184 1.43 9.90 -0.97
CA PHE A 184 0.14 10.40 -0.53
C PHE A 184 0.10 11.93 -0.56
N HIS A 185 1.11 12.59 0.04
CA HIS A 185 1.10 14.05 0.03
C HIS A 185 1.08 14.59 -1.38
N TYR A 186 1.89 14.03 -2.27
CA TYR A 186 2.05 14.57 -3.61
C TYR A 186 0.79 14.32 -4.47
N GLU A 187 0.27 13.09 -4.44
CA GLU A 187 -0.73 12.62 -5.40
C GLU A 187 -2.15 12.72 -4.88
N ILE A 188 -2.35 12.69 -3.57
CA ILE A 188 -3.68 12.63 -2.98
C ILE A 188 -4.02 13.93 -2.28
N ALA A 189 -3.12 14.43 -1.45
CA ALA A 189 -3.41 15.56 -0.57
C ALA A 189 -3.06 16.91 -1.15
N ASN A 190 -2.65 16.98 -2.40
CA ASN A 190 -2.34 18.27 -3.03
C ASN A 190 -1.30 19.05 -2.22
N SER A 191 -0.28 18.34 -1.74
CA SER A 191 0.74 18.91 -0.85
C SER A 191 2.12 18.55 -1.36
N PRO A 192 2.50 19.00 -2.55
CA PRO A 192 3.82 18.62 -3.09
C PRO A 192 4.98 19.08 -2.23
N GLU A 193 4.87 20.25 -1.58
CA GLU A 193 5.98 20.69 -0.74
C GLU A 193 6.17 19.76 0.45
N GLU A 194 5.08 19.30 1.04
CA GLU A 194 5.20 18.34 2.14
C GLU A 194 5.82 17.04 1.65
N ALA A 195 5.42 16.59 0.46
CA ALA A 195 5.96 15.37 -0.10
C ALA A 195 7.47 15.49 -0.30
N ILE A 196 7.91 16.61 -0.84
CA ILE A 196 9.33 16.84 -1.10
C ILE A 196 10.10 16.91 0.22
N SER A 197 9.58 17.67 1.19
N SER A 197 9.59 17.68 1.18
CA SER A 197 10.29 17.80 2.46
CA SER A 197 10.26 17.81 2.46
C SER A 197 10.40 16.45 3.17
C SER A 197 10.39 16.46 3.16
N LEU A 198 9.32 15.67 3.16
CA LEU A 198 9.37 14.37 3.82
C LEU A 198 10.39 13.46 3.14
N ALA A 199 10.38 13.42 1.82
CA ALA A 199 11.31 12.55 1.12
C ALA A 199 12.75 12.97 1.38
N LYS A 200 13.05 14.26 1.22
N LYS A 200 12.99 14.27 1.53
CA LYS A 200 14.38 14.78 1.45
CA LYS A 200 14.37 14.74 1.74
C LYS A 200 14.90 14.40 2.83
C LYS A 200 14.83 14.49 3.18
N THR A 201 14.11 14.74 3.85
N THR A 201 14.01 14.80 4.18
CA THR A 201 14.52 14.52 5.24
CA THR A 201 14.44 14.51 5.54
C THR A 201 14.70 13.04 5.52
C THR A 201 14.60 13.01 5.74
N THR A 202 13.75 12.22 5.08
CA THR A 202 13.87 10.76 5.25
C THR A 202 15.17 10.28 4.64
N PHE A 203 15.47 10.72 3.41
CA PHE A 203 16.68 10.28 2.73
C PHE A 203 17.92 10.68 3.53
N ASP A 204 17.96 11.92 3.99
CA ASP A 204 19.15 12.43 4.67
C ASP A 204 19.35 11.75 6.01
N GLU A 205 18.29 11.47 6.74
CA GLU A 205 18.46 10.81 8.02
C GLU A 205 18.86 9.36 7.84
N ALA A 206 18.39 8.72 6.78
CA ALA A 206 18.83 7.37 6.49
C ALA A 206 20.31 7.35 6.09
N MET A 207 20.72 8.29 5.24
N MET A 207 20.72 8.28 5.22
CA MET A 207 22.12 8.35 4.82
CA MET A 207 22.12 8.39 4.82
C MET A 207 23.05 8.37 6.03
C MET A 207 23.03 8.37 6.03
N ALA A 208 22.71 9.19 7.03
CA ALA A 208 23.54 9.36 8.20
C ALA A 208 23.62 8.13 9.09
N ASP A 209 22.71 7.16 8.90
CA ASP A 209 22.66 5.95 9.70
C ASP A 209 23.19 4.72 8.97
N LEU A 210 23.53 4.85 7.69
CA LEU A 210 23.98 3.68 6.94
C LEU A 210 25.24 3.07 7.54
N HIS A 211 26.09 3.89 8.18
CA HIS A 211 27.37 3.41 8.70
C HIS A 211 27.17 2.34 9.76
N THR A 212 25.99 2.24 10.37
CA THR A 212 25.74 1.27 11.42
C THR A 212 25.38 -0.11 10.89
N LEU A 213 25.20 -0.26 9.59
CA LEU A 213 24.56 -1.43 9.01
C LEU A 213 25.55 -2.43 8.46
N SER A 214 25.15 -3.70 8.45
CA SER A 214 25.83 -4.73 7.71
C SER A 214 25.66 -4.50 6.21
N GLU A 215 26.44 -5.24 5.41
CA GLU A 215 26.33 -5.15 3.96
C GLU A 215 24.91 -5.46 3.48
N ASP A 216 24.29 -6.51 4.03
CA ASP A 216 22.97 -6.89 3.56
C ASP A 216 21.92 -5.85 3.94
N SER A 217 21.97 -5.35 5.17
CA SER A 217 21.03 -4.30 5.57
C SER A 217 21.25 -3.04 4.76
N TYR A 218 22.51 -2.69 4.48
N TYR A 218 22.51 -2.69 4.49
CA TYR A 218 22.82 -1.54 3.65
CA TYR A 218 22.84 -1.56 3.64
C TYR A 218 22.16 -1.67 2.28
C TYR A 218 22.14 -1.67 2.30
N LYS A 219 22.21 -2.86 1.68
CA LYS A 219 21.56 -3.05 0.40
C LYS A 219 20.05 -2.84 0.51
N ASP A 220 19.43 -3.40 1.54
CA ASP A 220 17.98 -3.25 1.72
C ASP A 220 17.60 -1.78 1.86
N SER A 221 18.32 -1.04 2.70
CA SER A 221 17.96 0.34 2.97
C SER A 221 18.21 1.22 1.75
N THR A 222 19.35 1.04 1.08
CA THR A 222 19.70 1.92 -0.03
C THR A 222 18.77 1.70 -1.20
N LEU A 223 18.21 0.50 -1.35
CA LEU A 223 17.24 0.30 -2.42
C LEU A 223 16.04 1.24 -2.26
N ILE A 224 15.53 1.37 -1.04
CA ILE A 224 14.37 2.24 -0.84
C ILE A 224 14.78 3.70 -0.87
N MET A 225 15.96 4.02 -0.37
CA MET A 225 16.47 5.38 -0.47
C MET A 225 16.51 5.83 -1.93
N GLN A 226 16.89 4.93 -2.84
CA GLN A 226 16.94 5.31 -4.24
C GLN A 226 15.56 5.68 -4.77
N LEU A 227 14.51 5.01 -4.29
CA LEU A 227 13.17 5.37 -4.71
C LEU A 227 12.78 6.76 -4.22
N LEU A 228 13.16 7.11 -2.99
CA LEU A 228 12.96 8.47 -2.51
C LEU A 228 13.66 9.47 -3.42
N ARG A 229 14.90 9.17 -3.79
CA ARG A 229 15.67 10.05 -4.67
C ARG A 229 15.02 10.15 -6.05
N ASP A 230 14.53 9.03 -6.58
CA ASP A 230 13.87 9.06 -7.88
C ASP A 230 12.67 9.97 -7.86
N ASN A 231 11.87 9.90 -6.78
CA ASN A 231 10.72 10.80 -6.69
C ASN A 231 11.17 12.24 -6.57
N LEU A 232 12.19 12.51 -5.75
CA LEU A 232 12.67 13.88 -5.65
C LEU A 232 13.11 14.43 -7.00
N THR A 233 13.75 13.59 -7.81
CA THR A 233 14.18 14.02 -9.13
C THR A 233 12.98 14.32 -10.04
N LEU A 234 11.92 13.53 -9.92
CA LEU A 234 10.72 13.77 -10.69
C LEU A 234 9.98 15.03 -10.23
N TRP A 235 10.00 15.29 -8.92
CA TRP A 235 9.17 16.33 -8.32
C TRP A 235 9.85 17.69 -8.29
N THR A 236 11.16 17.76 -8.53
CA THR A 236 11.90 19.00 -8.46
C THR A 236 12.69 19.24 -9.74
N GLY B 7 6.74 4.30 -8.24
CA GLY B 7 7.02 5.49 -7.39
C GLY B 7 6.78 5.25 -5.92
N GLU B 9 6.39 2.24 -2.60
N GLU B 9 6.38 2.21 -2.61
CA GLU B 9 7.16 1.10 -2.10
CA GLU B 9 7.21 1.12 -2.11
C GLU B 9 7.05 -0.08 -3.08
C GLU B 9 7.03 -0.16 -2.93
N PRO B 10 8.11 -0.86 -3.24
CA PRO B 10 8.00 -2.09 -4.03
C PRO B 10 6.93 -3.01 -3.44
N TRP B 11 6.19 -3.65 -4.32
CA TRP B 11 5.15 -4.56 -3.86
C TRP B 11 5.72 -5.82 -3.22
N LYS B 12 6.99 -6.15 -3.48
CA LYS B 12 7.67 -7.26 -2.82
C LYS B 12 9.00 -6.78 -2.27
N GLN B 13 9.34 -7.22 -1.06
CA GLN B 13 10.62 -6.89 -0.44
C GLN B 13 11.78 -7.01 -1.43
#